data_6S2L
#
_entry.id   6S2L
#
_cell.length_a   93.850
_cell.length_b   93.850
_cell.length_c   121.310
_cell.angle_alpha   90.00
_cell.angle_beta   90.00
_cell.angle_gamma   90.00
#
_symmetry.space_group_name_H-M   'P 41 21 2'
#
loop_
_entity.id
_entity.type
_entity.pdbx_description
1 polymer 'Genome polyprotein'
2 non-polymer GLYCEROL
3 water water
#
_entity_poly.entity_id   1
_entity_poly.type   'polypeptide(L)'
_entity_poly.pdbx_seq_one_letter_code
;GLIVDTRDVEERVHVMRKTKLAPTVAHGVFNPEFGPAALSNKDPRLNEGVVLDEVIFSKHKGDTKMSAEDKALFRRCAAD
YASRLHSVLGTANAPLSIYEAIKGVDGLDAMEPDTAPGLPWALQGKRRGALIDFENGTVGPEVEAALKLMEKREYKFACQ
TFLKDEIRPMEKVRAGKTRIVDVLPVEHILYTRMMIGRFCAQMHSNNGPQIGSAVGCNPDVDWQRFGTHFAQYRNVWDVD
YSAFDANHCSDAMNIMFEEVFRTEFGFHPNAEWILKTLVNTEHAYENKRITVEGGMPSGCSATSIINTILNNIYVLYALR
RHYEGVELDTYTMISYGDDIVVASDYDLDFEALKPHFKSLGQTITPADKSDKGFVLGHSITDVTFLKRHFHMDYGTGFYK
PVMASKTLEAILSFARRGTIQEKLISVAGLAVHSGPDEYRRLFEPFQGLFEIPSYRSLYLRWVNAVCGDAAAALEHHHHH
H
;
_entity_poly.pdbx_strand_id   A
#
loop_
_chem_comp.id
_chem_comp.type
_chem_comp.name
_chem_comp.formula
GOL non-polymer GLYCEROL 'C3 H8 O3'
#
# COMPACT_ATOMS: atom_id res chain seq x y z
N GLY A 1 0.10 7.07 15.54
CA GLY A 1 -0.57 8.32 15.99
C GLY A 1 -0.81 8.35 17.50
N LEU A 2 -1.09 9.54 18.04
CA LEU A 2 -1.50 9.75 19.45
C LEU A 2 -3.02 9.89 19.51
N ILE A 3 -3.69 9.02 20.25
CA ILE A 3 -5.14 9.16 20.59
C ILE A 3 -5.26 10.27 21.64
N VAL A 4 -5.79 11.44 21.26
CA VAL A 4 -5.93 12.63 22.15
C VAL A 4 -7.32 12.67 22.79
N ASP A 5 -8.32 12.05 22.15
CA ASP A 5 -9.68 11.97 22.72
C ASP A 5 -10.40 10.71 22.21
N THR A 6 -11.05 9.99 23.13
CA THR A 6 -12.06 8.92 22.86
C THR A 6 -13.34 9.28 23.61
N ARG A 7 -14.44 9.44 22.88
CA ARG A 7 -15.79 9.73 23.46
C ARG A 7 -16.84 8.83 22.78
N ASP A 8 -17.93 8.56 23.49
CA ASP A 8 -19.12 7.83 22.97
C ASP A 8 -20.05 8.83 22.28
N VAL A 9 -21.03 8.34 21.53
CA VAL A 9 -21.84 9.15 20.57
C VAL A 9 -23.08 8.37 20.16
N GLU A 10 -24.14 9.09 19.77
CA GLU A 10 -25.32 8.56 19.03
C GLU A 10 -24.88 8.31 17.59
N GLU A 11 -25.64 7.49 16.84
CA GLU A 11 -25.29 6.99 15.48
C GLU A 11 -24.13 5.99 15.63
N ARG A 12 -24.46 4.70 15.73
CA ARG A 12 -23.49 3.58 15.61
C ARG A 12 -23.14 3.42 14.13
N VAL A 13 -21.86 3.61 13.76
CA VAL A 13 -21.32 3.20 12.43
C VAL A 13 -21.17 1.67 12.46
N HIS A 14 -22.21 0.94 12.03
CA HIS A 14 -22.40 -0.52 12.26
C HIS A 14 -21.33 -1.30 11.47
N VAL A 15 -20.16 -1.56 12.09
CA VAL A 15 -18.94 -2.11 11.44
C VAL A 15 -18.48 -3.39 12.18
N MET A 16 -19.41 -4.30 12.50
CA MET A 16 -19.13 -5.66 13.05
C MET A 16 -20.03 -6.69 12.34
N ARG A 17 -19.55 -7.25 11.23
CA ARG A 17 -20.34 -8.07 10.28
C ARG A 17 -19.93 -9.55 10.40
N LYS A 18 -20.45 -10.39 9.50
CA LYS A 18 -19.94 -11.76 9.27
C LYS A 18 -19.12 -11.75 7.98
N THR A 19 -18.13 -12.64 7.88
CA THR A 19 -17.22 -12.76 6.71
C THR A 19 -18.00 -13.30 5.51
N LYS A 20 -17.71 -12.78 4.31
CA LYS A 20 -18.21 -13.30 3.01
C LYS A 20 -17.28 -14.41 2.51
N LEU A 21 -16.16 -14.66 3.21
CA LEU A 21 -15.16 -15.70 2.83
C LEU A 21 -15.59 -17.04 3.44
N ALA A 22 -15.59 -18.09 2.61
CA ALA A 22 -15.86 -19.49 3.00
C ALA A 22 -14.67 -20.35 2.62
N PRO A 23 -14.39 -21.44 3.37
CA PRO A 23 -13.35 -22.39 2.97
C PRO A 23 -13.67 -22.96 1.58
N THR A 24 -12.62 -23.31 0.81
CA THR A 24 -12.73 -24.01 -0.50
C THR A 24 -12.40 -25.50 -0.32
N VAL A 25 -12.52 -26.26 -1.41
CA VAL A 25 -12.10 -27.69 -1.47
C VAL A 25 -10.62 -27.81 -1.06
N ALA A 26 -9.80 -26.79 -1.32
CA ALA A 26 -8.34 -26.82 -1.06
C ALA A 26 -8.04 -26.74 0.44
N HIS A 27 -8.95 -26.15 1.22
CA HIS A 27 -8.77 -25.91 2.69
C HIS A 27 -8.42 -27.21 3.38
N GLY A 28 -9.20 -28.27 3.14
CA GLY A 28 -9.04 -29.60 3.75
C GLY A 28 -7.76 -30.29 3.28
N VAL A 29 -7.29 -29.98 2.08
CA VAL A 29 -6.05 -30.58 1.51
C VAL A 29 -4.83 -29.88 2.11
N PHE A 30 -4.84 -28.53 2.17
CA PHE A 30 -3.67 -27.70 2.55
C PHE A 30 -3.62 -27.42 4.05
N ASN A 31 -4.78 -27.36 4.72
CA ASN A 31 -4.91 -27.09 6.18
C ASN A 31 -4.05 -25.89 6.56
N PRO A 32 -4.29 -24.71 5.94
CA PRO A 32 -3.44 -23.54 6.16
C PRO A 32 -3.55 -23.03 7.59
N GLU A 33 -2.53 -22.32 8.06
CA GLU A 33 -2.52 -21.67 9.40
C GLU A 33 -2.99 -20.23 9.22
N PHE A 34 -4.13 -20.09 8.54
CA PHE A 34 -4.78 -18.82 8.11
C PHE A 34 -6.29 -18.99 8.25
N GLY A 35 -7.02 -17.89 8.23
CA GLY A 35 -8.49 -17.88 8.37
C GLY A 35 -9.02 -16.45 8.25
N PRO A 36 -10.34 -16.26 8.04
CA PRO A 36 -10.88 -14.91 7.90
C PRO A 36 -10.62 -14.17 9.22
N ALA A 37 -10.21 -12.90 9.16
CA ALA A 37 -10.10 -12.02 10.33
C ALA A 37 -11.42 -12.03 11.10
N ALA A 38 -11.35 -11.88 12.42
CA ALA A 38 -12.52 -11.69 13.30
C ALA A 38 -13.19 -10.36 12.91
N LEU A 39 -14.50 -10.42 12.60
CA LEU A 39 -15.31 -9.22 12.25
C LEU A 39 -16.28 -8.91 13.39
N SER A 40 -16.31 -9.74 14.44
CA SER A 40 -17.19 -9.61 15.62
C SER A 40 -16.38 -9.82 16.91
N ASN A 41 -16.74 -9.12 17.99
CA ASN A 41 -16.23 -9.38 19.36
C ASN A 41 -16.67 -10.77 19.84
N LYS A 42 -17.81 -11.27 19.36
CA LYS A 42 -18.40 -12.57 19.79
C LYS A 42 -17.83 -13.73 18.95
N ASP A 43 -16.76 -13.48 18.17
CA ASP A 43 -16.08 -14.53 17.37
C ASP A 43 -15.43 -15.54 18.33
N PRO A 44 -15.76 -16.84 18.21
CA PRO A 44 -15.29 -17.86 19.17
C PRO A 44 -13.82 -18.25 19.03
N ARG A 45 -13.16 -17.82 17.94
CA ARG A 45 -11.72 -18.08 17.64
C ARG A 45 -10.84 -17.05 18.36
N LEU A 46 -11.41 -15.93 18.82
CA LEU A 46 -10.67 -14.86 19.53
C LEU A 46 -10.11 -15.42 20.83
N ASN A 47 -8.88 -15.04 21.17
CA ASN A 47 -8.27 -15.31 22.51
C ASN A 47 -9.15 -14.67 23.59
N GLU A 48 -9.15 -15.25 24.79
CA GLU A 48 -9.95 -14.80 25.95
C GLU A 48 -9.59 -13.35 26.30
N GLY A 49 -10.59 -12.49 26.45
CA GLY A 49 -10.44 -11.10 26.93
C GLY A 49 -9.99 -10.12 25.85
N VAL A 50 -9.83 -10.56 24.60
CA VAL A 50 -9.50 -9.66 23.46
C VAL A 50 -10.77 -8.89 23.07
N VAL A 51 -10.68 -7.56 23.05
CA VAL A 51 -11.74 -6.63 22.54
C VAL A 51 -11.26 -6.08 21.20
N LEU A 52 -12.02 -6.32 20.14
CA LEU A 52 -11.76 -5.84 18.75
C LEU A 52 -11.58 -4.32 18.75
N ASP A 53 -12.48 -3.60 19.43
CA ASP A 53 -12.51 -2.12 19.52
C ASP A 53 -11.15 -1.62 20.03
N GLU A 54 -10.56 -2.31 21.01
CA GLU A 54 -9.26 -1.94 21.62
C GLU A 54 -8.12 -2.27 20.66
N VAL A 55 -8.07 -3.51 20.15
CA VAL A 55 -6.88 -4.05 19.42
C VAL A 55 -6.70 -3.35 18.07
N ILE A 56 -7.78 -3.04 17.33
CA ILE A 56 -7.69 -2.41 15.97
C ILE A 56 -7.05 -1.02 16.07
N PHE A 57 -7.10 -0.36 17.24
CA PHE A 57 -6.57 1.01 17.45
C PHE A 57 -5.29 1.00 18.30
N SER A 58 -4.80 -0.16 18.74
CA SER A 58 -3.63 -0.30 19.64
C SER A 58 -2.32 0.12 18.96
N LYS A 59 -2.31 0.19 17.62
CA LYS A 59 -1.14 0.62 16.79
C LYS A 59 -0.83 2.12 17.03
N HIS A 60 -1.80 2.89 17.54
CA HIS A 60 -1.66 4.34 17.84
C HIS A 60 -1.09 4.51 19.25
N LYS A 61 0.24 4.45 19.37
CA LYS A 61 1.01 4.47 20.65
C LYS A 61 1.64 5.85 20.89
N GLY A 62 1.46 6.79 19.96
CA GLY A 62 2.03 8.14 20.11
C GLY A 62 2.42 8.75 18.79
N ASP A 63 2.75 10.05 18.84
CA ASP A 63 3.15 10.89 17.69
C ASP A 63 4.55 11.42 18.02
N THR A 64 5.59 10.73 17.54
CA THR A 64 7.01 11.03 17.85
C THR A 64 7.29 12.49 17.51
N LYS A 65 7.77 13.25 18.49
CA LYS A 65 8.16 14.68 18.31
C LYS A 65 9.64 14.72 17.94
N MET A 66 9.97 15.19 16.74
CA MET A 66 11.37 15.28 16.27
C MET A 66 11.98 16.59 16.80
N SER A 67 13.26 16.57 17.18
CA SER A 67 14.03 17.79 17.54
C SER A 67 14.13 18.72 16.33
N ALA A 68 14.58 19.95 16.56
CA ALA A 68 14.69 21.01 15.53
C ALA A 68 15.72 20.58 14.47
N GLU A 69 16.91 20.12 14.89
CA GLU A 69 18.02 19.64 14.02
C GLU A 69 17.50 18.52 13.12
N ASP A 70 16.82 17.53 13.72
CA ASP A 70 16.27 16.34 13.03
C ASP A 70 15.22 16.78 12.00
N LYS A 71 14.37 17.74 12.37
CA LYS A 71 13.33 18.28 11.45
C LYS A 71 13.99 19.00 10.27
N ALA A 72 15.04 19.78 10.50
CA ALA A 72 15.78 20.52 9.46
C ALA A 72 16.49 19.52 8.53
N LEU A 73 17.05 18.45 9.09
CA LEU A 73 17.61 17.33 8.28
C LEU A 73 16.48 16.70 7.45
N PHE A 74 15.35 16.39 8.07
CA PHE A 74 14.19 15.77 7.37
C PHE A 74 13.78 16.65 6.18
N ARG A 75 13.73 17.95 6.38
CA ARG A 75 13.32 18.93 5.33
C ARG A 75 14.32 18.90 4.16
N ARG A 76 15.62 18.84 4.43
CA ARG A 76 16.66 18.75 3.37
C ARG A 76 16.45 17.46 2.57
N CYS A 77 16.19 16.35 3.26
CA CYS A 77 15.98 15.01 2.68
C CYS A 77 14.70 14.99 1.83
N ALA A 78 13.63 15.64 2.32
CA ALA A 78 12.34 15.79 1.61
C ALA A 78 12.54 16.63 0.33
N ALA A 79 13.25 17.76 0.43
CA ALA A 79 13.49 18.69 -0.70
C ALA A 79 14.41 18.03 -1.75
N ASP A 80 15.36 17.19 -1.30
CA ASP A 80 16.30 16.47 -2.19
C ASP A 80 15.56 15.37 -2.94
N TYR A 81 14.69 14.60 -2.26
CA TYR A 81 13.88 13.55 -2.91
C TYR A 81 12.91 14.21 -3.91
N ALA A 82 12.20 15.26 -3.47
CA ALA A 82 11.25 16.06 -4.31
C ALA A 82 11.96 16.53 -5.58
N SER A 83 13.19 17.02 -5.46
CA SER A 83 14.01 17.49 -6.60
C SER A 83 14.16 16.36 -7.63
N ARG A 84 14.62 15.20 -7.18
CA ARG A 84 14.73 13.98 -8.02
C ARG A 84 13.36 13.67 -8.64
N LEU A 85 12.32 13.63 -7.82
CA LEU A 85 10.95 13.19 -8.22
C LEU A 85 10.44 14.07 -9.36
N HIS A 86 10.43 15.39 -9.15
CA HIS A 86 9.86 16.39 -10.09
C HIS A 86 10.80 16.59 -11.29
N SER A 87 12.04 16.11 -11.22
CA SER A 87 12.98 16.13 -12.38
C SER A 87 12.55 15.09 -13.40
N VAL A 88 12.26 13.87 -12.92
CA VAL A 88 11.81 12.71 -13.75
C VAL A 88 10.39 12.98 -14.24
N LEU A 89 9.48 13.36 -13.34
CA LEU A 89 8.01 13.47 -13.60
C LEU A 89 7.70 14.72 -14.44
N GLY A 90 8.45 15.81 -14.21
CA GLY A 90 8.13 17.16 -14.73
C GLY A 90 7.28 17.93 -13.73
N THR A 91 6.78 19.11 -14.11
CA THR A 91 6.02 20.03 -13.23
C THR A 91 4.62 20.34 -13.78
N ALA A 92 4.09 19.53 -14.70
CA ALA A 92 2.71 19.65 -15.24
C ALA A 92 1.72 19.08 -14.22
N ASN A 93 1.44 19.85 -13.15
CA ASN A 93 0.67 19.41 -11.96
C ASN A 93 -0.53 20.35 -11.75
N ALA A 94 -1.03 20.95 -12.83
CA ALA A 94 -2.28 21.74 -12.79
C ALA A 94 -3.40 20.83 -12.25
N PRO A 95 -4.33 21.39 -11.45
CA PRO A 95 -5.47 20.61 -10.96
C PRO A 95 -6.21 19.84 -12.06
N LEU A 96 -6.66 18.62 -11.73
CA LEU A 96 -7.57 17.84 -12.60
C LEU A 96 -8.93 18.55 -12.65
N SER A 97 -9.58 18.52 -13.80
CA SER A 97 -11.00 18.91 -13.97
C SER A 97 -11.85 17.89 -13.19
N ILE A 98 -13.07 18.27 -12.80
CA ILE A 98 -14.01 17.35 -12.10
C ILE A 98 -14.23 16.11 -12.97
N TYR A 99 -14.41 16.28 -14.28
CA TYR A 99 -14.62 15.17 -15.25
C TYR A 99 -13.41 14.21 -15.21
N GLU A 100 -12.19 14.76 -15.25
CA GLU A 100 -10.92 13.98 -15.25
C GLU A 100 -10.73 13.30 -13.88
N ALA A 101 -11.14 13.97 -12.80
CA ALA A 101 -11.00 13.49 -11.40
C ALA A 101 -11.83 12.21 -11.20
N ILE A 102 -12.99 12.15 -11.84
CA ILE A 102 -13.93 11.00 -11.74
C ILE A 102 -13.54 9.92 -12.75
N LYS A 103 -13.37 10.29 -14.02
CA LYS A 103 -13.13 9.35 -15.15
C LYS A 103 -11.64 8.94 -15.21
N GLY A 104 -10.76 9.66 -14.53
CA GLY A 104 -9.30 9.41 -14.54
C GLY A 104 -8.66 9.92 -15.82
N VAL A 105 -7.34 9.77 -15.93
CA VAL A 105 -6.53 10.11 -17.14
C VAL A 105 -5.56 8.94 -17.39
N ASP A 106 -4.81 8.98 -18.48
CA ASP A 106 -3.76 7.98 -18.78
C ASP A 106 -2.88 7.85 -17.53
N GLY A 107 -2.83 6.66 -16.92
CA GLY A 107 -2.00 6.36 -15.75
C GLY A 107 -2.74 6.46 -14.43
N LEU A 108 -3.98 6.96 -14.40
CA LEU A 108 -4.81 7.08 -13.17
C LEU A 108 -6.19 6.45 -13.42
N ASP A 109 -6.52 5.36 -12.73
CA ASP A 109 -7.84 4.65 -12.81
C ASP A 109 -8.95 5.64 -12.51
N ALA A 110 -10.13 5.43 -13.11
CA ALA A 110 -11.39 6.15 -12.77
C ALA A 110 -11.76 5.83 -11.33
N MET A 111 -12.53 6.70 -10.68
CA MET A 111 -13.07 6.49 -9.32
C MET A 111 -14.09 5.35 -9.36
N GLU A 112 -14.17 4.55 -8.30
CA GLU A 112 -15.07 3.38 -8.17
C GLU A 112 -16.49 3.90 -7.96
N PRO A 113 -17.43 3.61 -8.87
CA PRO A 113 -18.79 4.18 -8.78
C PRO A 113 -19.66 3.71 -7.60
N ASP A 114 -19.46 2.51 -7.04
CA ASP A 114 -20.34 2.00 -5.94
C ASP A 114 -19.53 1.38 -4.79
N THR A 115 -18.37 1.95 -4.44
CA THR A 115 -17.67 1.68 -3.15
C THR A 115 -18.26 2.61 -2.08
N ALA A 116 -17.82 2.46 -0.84
CA ALA A 116 -18.32 3.21 0.35
C ALA A 116 -18.19 4.71 0.10
N PRO A 117 -19.23 5.51 0.43
CA PRO A 117 -19.22 6.95 0.20
C PRO A 117 -18.62 7.74 1.36
N GLY A 118 -18.43 7.10 2.52
CA GLY A 118 -17.94 7.74 3.75
C GLY A 118 -19.03 8.54 4.45
N LEU A 119 -18.63 9.42 5.37
CA LEU A 119 -19.56 10.13 6.29
C LEU A 119 -19.80 11.57 5.81
N PRO A 120 -21.00 12.14 6.05
CA PRO A 120 -22.09 11.42 6.71
C PRO A 120 -23.06 10.71 5.75
N TRP A 121 -22.66 10.51 4.49
CA TRP A 121 -23.55 9.99 3.41
C TRP A 121 -24.00 8.55 3.71
N ALA A 122 -23.17 7.78 4.41
CA ALA A 122 -23.44 6.37 4.79
C ALA A 122 -24.57 6.32 5.82
N LEU A 123 -24.66 7.34 6.69
CA LEU A 123 -25.67 7.44 7.78
C LEU A 123 -27.00 7.98 7.23
N GLN A 124 -26.99 8.59 6.04
CA GLN A 124 -28.18 9.16 5.37
C GLN A 124 -28.68 8.20 4.27
N GLY A 125 -28.05 7.02 4.14
CA GLY A 125 -28.44 5.98 3.17
C GLY A 125 -28.22 6.40 1.73
N LYS A 126 -27.33 7.38 1.49
CA LYS A 126 -26.98 7.90 0.14
C LYS A 126 -25.73 7.14 -0.38
N ARG A 127 -25.90 6.28 -1.38
CA ARG A 127 -24.77 5.59 -2.05
C ARG A 127 -23.98 6.61 -2.87
N ARG A 128 -22.79 6.21 -3.34
CA ARG A 128 -21.91 7.06 -4.19
C ARG A 128 -22.69 7.56 -5.42
N GLY A 129 -23.38 6.64 -6.13
CA GLY A 129 -24.15 6.91 -7.37
C GLY A 129 -25.16 8.04 -7.22
N ALA A 130 -25.66 8.29 -6.01
CA ALA A 130 -26.65 9.35 -5.69
C ALA A 130 -25.99 10.72 -5.71
N LEU A 131 -24.69 10.80 -5.40
CA LEU A 131 -23.93 12.07 -5.22
C LEU A 131 -23.13 12.43 -6.48
N ILE A 132 -22.71 11.44 -7.27
CA ILE A 132 -21.80 11.59 -8.45
C ILE A 132 -22.31 10.73 -9.61
N ASP A 133 -22.43 11.33 -10.79
CA ASP A 133 -22.70 10.63 -12.08
C ASP A 133 -21.35 10.21 -12.67
N PHE A 134 -20.97 8.95 -12.47
CA PHE A 134 -19.65 8.40 -12.87
C PHE A 134 -19.64 8.20 -14.41
N GLU A 135 -20.81 7.95 -15.01
CA GLU A 135 -20.99 7.77 -16.48
C GLU A 135 -20.59 9.06 -17.21
N ASN A 136 -21.11 10.21 -16.77
CA ASN A 136 -20.91 11.54 -17.42
C ASN A 136 -19.72 12.27 -16.80
N GLY A 137 -19.20 11.78 -15.66
CA GLY A 137 -18.13 12.45 -14.90
C GLY A 137 -18.57 13.84 -14.44
N THR A 138 -19.77 13.94 -13.88
CA THR A 138 -20.35 15.19 -13.30
C THR A 138 -20.69 14.89 -11.84
N VAL A 139 -20.85 15.93 -11.02
CA VAL A 139 -21.13 15.78 -9.56
C VAL A 139 -22.49 16.41 -9.25
N GLY A 140 -23.21 15.84 -8.28
CA GLY A 140 -24.47 16.38 -7.73
C GLY A 140 -24.19 17.66 -6.93
N PRO A 141 -25.24 18.29 -6.36
CA PRO A 141 -25.11 19.58 -5.65
C PRO A 141 -24.43 19.52 -4.27
N GLU A 142 -24.48 18.37 -3.58
CA GLU A 142 -23.87 18.19 -2.23
C GLU A 142 -22.35 18.09 -2.36
N VAL A 143 -21.87 17.24 -3.26
CA VAL A 143 -20.42 17.12 -3.61
C VAL A 143 -19.92 18.48 -4.11
N GLU A 144 -20.65 19.11 -5.04
CA GLU A 144 -20.37 20.47 -5.59
C GLU A 144 -20.19 21.46 -4.44
N ALA A 145 -21.09 21.47 -3.45
CA ALA A 145 -21.06 22.38 -2.29
C ALA A 145 -19.80 22.11 -1.45
N ALA A 146 -19.48 20.83 -1.21
CA ALA A 146 -18.31 20.40 -0.38
C ALA A 146 -16.99 20.78 -1.08
N LEU A 147 -16.89 20.59 -2.40
CA LEU A 147 -15.73 21.01 -3.21
C LEU A 147 -15.46 22.51 -3.00
N LYS A 148 -16.51 23.34 -2.97
CA LYS A 148 -16.38 24.82 -2.81
C LYS A 148 -15.96 25.15 -1.36
N LEU A 149 -16.24 24.27 -0.39
CA LEU A 149 -15.76 24.41 1.02
C LEU A 149 -14.27 24.09 1.10
N MET A 150 -13.76 23.23 0.22
CA MET A 150 -12.33 22.82 0.22
C MET A 150 -11.50 23.91 -0.47
N GLU A 151 -12.00 24.48 -1.57
CA GLU A 151 -11.43 25.69 -2.23
C GLU A 151 -11.08 26.72 -1.14
N LYS A 152 -12.00 26.97 -0.20
CA LYS A 152 -11.86 27.96 0.90
C LYS A 152 -11.06 27.39 2.08
N ARG A 153 -10.59 26.13 2.01
CA ARG A 153 -9.87 25.45 3.13
C ARG A 153 -10.73 25.46 4.40
N GLU A 154 -12.04 25.31 4.25
CA GLU A 154 -13.03 25.33 5.38
C GLU A 154 -13.62 23.93 5.61
N TYR A 155 -13.34 22.96 4.72
CA TYR A 155 -13.88 21.58 4.80
C TYR A 155 -13.39 20.93 6.10
N LYS A 156 -14.28 20.19 6.76
CA LYS A 156 -13.97 19.34 7.93
C LYS A 156 -14.68 17.99 7.71
N PHE A 157 -14.19 16.92 8.32
CA PHE A 157 -14.68 15.55 8.04
C PHE A 157 -14.27 14.57 9.13
N ALA A 158 -14.91 13.41 9.11
CA ALA A 158 -14.62 12.22 9.94
C ALA A 158 -14.27 11.07 9.01
N CYS A 159 -13.38 10.18 9.46
CA CYS A 159 -13.00 8.92 8.76
C CYS A 159 -13.93 7.81 9.24
N GLN A 160 -14.64 7.16 8.31
CA GLN A 160 -15.46 5.96 8.60
C GLN A 160 -14.53 4.75 8.66
N THR A 161 -14.42 4.10 9.82
CA THR A 161 -13.55 2.91 10.03
C THR A 161 -14.32 1.63 9.68
N PHE A 162 -13.81 0.87 8.71
CA PHE A 162 -14.30 -0.45 8.27
C PHE A 162 -13.25 -1.52 8.62
N LEU A 163 -13.72 -2.67 9.10
CA LEU A 163 -12.87 -3.86 9.29
C LEU A 163 -12.57 -4.45 7.91
N LYS A 164 -11.37 -4.99 7.74
CA LYS A 164 -10.91 -5.61 6.46
C LYS A 164 -11.29 -7.08 6.53
N ASP A 165 -12.30 -7.47 5.77
CA ASP A 165 -12.74 -8.88 5.64
C ASP A 165 -11.75 -9.56 4.70
N GLU A 166 -10.78 -10.30 5.25
CA GLU A 166 -9.68 -10.93 4.47
C GLU A 166 -9.11 -12.09 5.27
N ILE A 167 -8.23 -12.86 4.63
CA ILE A 167 -7.44 -13.97 5.23
C ILE A 167 -6.26 -13.34 6.00
N ARG A 168 -6.04 -13.81 7.22
CA ARG A 168 -4.91 -13.38 8.09
C ARG A 168 -4.28 -14.62 8.74
N PRO A 169 -2.98 -14.57 9.10
CA PRO A 169 -2.34 -15.65 9.85
C PRO A 169 -3.18 -15.96 11.09
N MET A 170 -3.32 -17.25 11.42
CA MET A 170 -4.25 -17.71 12.48
C MET A 170 -3.88 -17.05 13.82
N GLU A 171 -2.59 -16.80 14.08
CA GLU A 171 -2.11 -16.16 15.33
C GLU A 171 -2.61 -14.71 15.39
N LYS A 172 -2.63 -14.03 14.24
CA LYS A 172 -3.15 -12.62 14.13
C LYS A 172 -4.68 -12.62 14.21
N VAL A 173 -5.35 -13.68 13.71
CA VAL A 173 -6.84 -13.85 13.83
C VAL A 173 -7.23 -13.92 15.30
N ARG A 174 -6.55 -14.78 16.06
CA ARG A 174 -6.83 -15.08 17.50
C ARG A 174 -6.59 -13.83 18.35
N ALA A 175 -5.51 -13.08 18.05
CA ALA A 175 -5.08 -11.87 18.79
C ALA A 175 -5.99 -10.67 18.48
N GLY A 176 -6.92 -10.83 17.52
CA GLY A 176 -7.89 -9.80 17.12
C GLY A 176 -7.24 -8.72 16.28
N LYS A 177 -6.08 -9.00 15.68
CA LYS A 177 -5.34 -8.05 14.81
C LYS A 177 -6.06 -7.99 13.46
N THR A 178 -7.35 -7.68 13.46
CA THR A 178 -8.12 -7.39 12.22
C THR A 178 -7.61 -6.05 11.68
N ARG A 179 -7.30 -5.99 10.38
CA ARG A 179 -6.85 -4.75 9.72
C ARG A 179 -8.08 -3.87 9.48
N ILE A 180 -7.87 -2.57 9.36
CA ILE A 180 -8.96 -1.58 9.13
C ILE A 180 -8.62 -0.79 7.87
N VAL A 181 -9.65 -0.28 7.19
CA VAL A 181 -9.51 0.75 6.14
C VAL A 181 -10.32 1.98 6.59
N ASP A 182 -9.69 3.15 6.60
CA ASP A 182 -10.36 4.44 6.89
C ASP A 182 -10.96 4.92 5.57
N VAL A 183 -12.29 5.00 5.51
CA VAL A 183 -13.03 5.52 4.32
C VAL A 183 -13.27 7.02 4.56
N LEU A 184 -12.59 7.86 3.80
CA LEU A 184 -12.79 9.33 3.81
C LEU A 184 -13.96 9.64 2.90
N PRO A 185 -14.63 10.81 3.08
CA PRO A 185 -15.78 11.16 2.26
C PRO A 185 -15.40 11.15 0.78
N VAL A 186 -16.33 10.73 -0.09
CA VAL A 186 -16.06 10.60 -1.56
C VAL A 186 -15.57 11.95 -2.11
N GLU A 187 -16.12 13.07 -1.63
CA GLU A 187 -15.75 14.44 -2.11
C GLU A 187 -14.29 14.77 -1.73
N HIS A 188 -13.80 14.24 -0.61
CA HIS A 188 -12.40 14.45 -0.14
C HIS A 188 -11.46 13.71 -1.08
N ILE A 189 -11.83 12.50 -1.49
CA ILE A 189 -11.05 11.68 -2.46
C ILE A 189 -11.06 12.42 -3.80
N LEU A 190 -12.23 12.84 -4.29
CA LEU A 190 -12.39 13.60 -5.56
C LEU A 190 -11.41 14.78 -5.57
N TYR A 191 -11.44 15.62 -4.53
CA TYR A 191 -10.62 16.84 -4.42
C TYR A 191 -9.13 16.48 -4.35
N THR A 192 -8.75 15.47 -3.56
CA THR A 192 -7.35 15.03 -3.48
C THR A 192 -6.88 14.66 -4.89
N ARG A 193 -7.71 13.93 -5.64
CA ARG A 193 -7.42 13.53 -7.04
C ARG A 193 -7.34 14.79 -7.92
N MET A 194 -8.18 15.79 -7.67
CA MET A 194 -8.12 17.09 -8.38
C MET A 194 -6.73 17.71 -8.15
N MET A 195 -6.28 17.76 -6.90
CA MET A 195 -5.06 18.49 -6.46
C MET A 195 -3.78 17.77 -6.92
N ILE A 196 -3.71 16.44 -6.86
CA ILE A 196 -2.44 15.69 -7.11
C ILE A 196 -2.64 14.54 -8.10
N GLY A 197 -3.79 14.43 -8.76
CA GLY A 197 -4.07 13.35 -9.72
C GLY A 197 -3.07 13.29 -10.86
N ARG A 198 -2.68 14.43 -11.43
CA ARG A 198 -1.73 14.47 -12.57
C ARG A 198 -0.39 13.89 -12.12
N PHE A 199 0.04 14.29 -10.91
CA PHE A 199 1.25 13.80 -10.20
C PHE A 199 1.16 12.29 -9.98
N CYS A 200 0.04 11.80 -9.45
CA CYS A 200 -0.22 10.35 -9.21
C CYS A 200 -0.09 9.56 -10.52
N ALA A 201 -0.72 10.01 -11.60
CA ALA A 201 -0.63 9.40 -12.95
C ALA A 201 0.83 9.32 -13.39
N GLN A 202 1.59 10.40 -13.23
CA GLN A 202 3.01 10.48 -13.66
C GLN A 202 3.84 9.47 -12.87
N MET A 203 3.53 9.30 -11.58
CA MET A 203 4.30 8.36 -10.72
C MET A 203 3.98 6.90 -11.11
N HIS A 204 2.72 6.59 -11.44
CA HIS A 204 2.34 5.26 -11.98
C HIS A 204 3.14 5.02 -13.27
N SER A 205 3.09 5.95 -14.22
CA SER A 205 3.74 5.85 -15.56
C SER A 205 5.25 5.70 -15.41
N ASN A 206 5.84 6.27 -14.36
CA ASN A 206 7.32 6.38 -14.21
C ASN A 206 7.81 5.47 -13.08
N ASN A 207 6.99 4.52 -12.62
CA ASN A 207 7.38 3.58 -11.52
C ASN A 207 8.73 2.93 -11.89
N GLY A 208 9.60 2.77 -10.90
CA GLY A 208 10.96 2.22 -11.09
C GLY A 208 11.92 2.76 -10.03
N PRO A 209 13.16 2.23 -9.97
CA PRO A 209 14.10 2.61 -8.91
C PRO A 209 14.49 4.09 -8.95
N GLN A 210 14.37 4.76 -10.10
CA GLN A 210 14.84 6.17 -10.28
C GLN A 210 14.00 7.09 -9.38
N ILE A 211 12.69 6.84 -9.26
CA ILE A 211 11.80 7.64 -8.37
C ILE A 211 11.51 6.89 -7.06
N GLY A 212 12.06 5.68 -6.88
CA GLY A 212 11.92 4.87 -5.66
C GLY A 212 10.53 4.32 -5.43
N SER A 213 9.70 4.19 -6.49
CA SER A 213 8.26 3.79 -6.38
C SER A 213 7.94 2.65 -7.36
N ALA A 214 7.30 1.61 -6.83
CA ALA A 214 6.72 0.47 -7.58
C ALA A 214 5.22 0.64 -7.70
N VAL A 215 4.64 1.70 -7.15
CA VAL A 215 3.17 1.94 -7.22
C VAL A 215 2.81 2.01 -8.71
N GLY A 216 1.85 1.18 -9.12
CA GLY A 216 1.34 1.09 -10.51
C GLY A 216 2.17 0.14 -11.36
N CYS A 217 3.08 -0.65 -10.77
CA CYS A 217 3.90 -1.65 -11.51
C CYS A 217 3.04 -2.88 -11.84
N ASN A 218 3.47 -3.67 -12.82
CA ASN A 218 2.89 -4.99 -13.17
C ASN A 218 3.98 -6.02 -12.90
N PRO A 219 3.96 -6.73 -11.74
CA PRO A 219 5.08 -7.60 -11.36
C PRO A 219 5.45 -8.62 -12.45
N ASP A 220 4.45 -9.18 -13.13
CA ASP A 220 4.63 -10.11 -14.28
C ASP A 220 5.71 -9.58 -15.23
N VAL A 221 5.65 -8.30 -15.61
CA VAL A 221 6.55 -7.75 -16.66
C VAL A 221 7.67 -6.96 -16.01
N ASP A 222 7.42 -6.30 -14.86
CA ASP A 222 8.36 -5.31 -14.28
C ASP A 222 9.42 -6.01 -13.40
N TRP A 223 9.20 -7.27 -13.01
CA TRP A 223 10.20 -8.03 -12.20
C TRP A 223 11.54 -8.12 -12.96
N GLN A 224 11.48 -8.25 -14.29
CA GLN A 224 12.70 -8.30 -15.15
C GLN A 224 13.46 -6.99 -14.98
N ARG A 225 12.75 -5.87 -15.22
CA ARG A 225 13.27 -4.49 -15.09
C ARG A 225 13.88 -4.30 -13.69
N PHE A 226 13.13 -4.64 -12.63
CA PHE A 226 13.57 -4.42 -11.22
C PHE A 226 14.76 -5.35 -10.91
N GLY A 227 14.66 -6.62 -11.28
CA GLY A 227 15.65 -7.66 -10.95
C GLY A 227 17.01 -7.37 -11.54
N THR A 228 17.07 -7.02 -12.83
CA THR A 228 18.35 -6.74 -13.54
C THR A 228 19.01 -5.48 -12.94
N HIS A 229 18.22 -4.54 -12.43
CA HIS A 229 18.74 -3.32 -11.77
C HIS A 229 19.41 -3.67 -10.44
N PHE A 230 18.71 -4.35 -9.53
CA PHE A 230 19.23 -4.63 -8.16
C PHE A 230 20.37 -5.66 -8.19
N ALA A 231 20.40 -6.53 -9.20
CA ALA A 231 21.41 -7.61 -9.35
C ALA A 231 22.82 -7.00 -9.51
N GLN A 232 22.90 -5.71 -9.86
CA GLN A 232 24.16 -5.00 -10.20
C GLN A 232 24.90 -4.51 -8.94
N TYR A 233 24.31 -4.68 -7.75
CA TYR A 233 24.81 -4.07 -6.48
C TYR A 233 25.35 -5.15 -5.54
N ARG A 234 26.41 -4.82 -4.78
CA ARG A 234 27.09 -5.73 -3.82
C ARG A 234 26.13 -6.13 -2.68
N ASN A 235 25.34 -5.18 -2.19
CA ASN A 235 24.50 -5.32 -0.98
C ASN A 235 23.05 -5.00 -1.32
N VAL A 236 22.15 -5.90 -0.94
CA VAL A 236 20.67 -5.71 -1.05
C VAL A 236 20.05 -6.01 0.32
N TRP A 237 19.11 -5.15 0.74
CA TRP A 237 18.38 -5.26 2.03
C TRP A 237 16.88 -5.22 1.76
N ASP A 238 16.10 -6.09 2.42
CA ASP A 238 14.63 -5.92 2.56
C ASP A 238 14.35 -5.58 4.02
N VAL A 239 13.62 -4.49 4.22
CA VAL A 239 13.44 -3.83 5.54
C VAL A 239 11.98 -4.02 5.94
N ASP A 240 11.78 -4.55 7.14
CA ASP A 240 10.44 -4.72 7.74
C ASP A 240 10.21 -3.55 8.71
N TYR A 241 9.03 -2.95 8.63
CA TYR A 241 8.53 -1.95 9.62
C TYR A 241 7.41 -2.59 10.47
N SER A 242 7.21 -2.01 11.65
CA SER A 242 6.07 -2.29 12.58
C SER A 242 5.06 -1.13 12.49
N ALA A 243 3.93 -1.34 11.80
CA ALA A 243 2.81 -0.39 11.66
C ALA A 243 3.33 0.95 11.11
N PHE A 244 4.06 0.87 10.01
CA PHE A 244 4.61 2.00 9.22
C PHE A 244 3.60 3.15 9.11
N ASP A 245 2.38 2.84 8.67
CA ASP A 245 1.33 3.82 8.32
C ASP A 245 0.91 4.61 9.58
N ALA A 246 0.75 3.92 10.71
CA ALA A 246 0.27 4.53 11.96
C ALA A 246 1.36 5.41 12.56
N ASN A 247 2.62 5.07 12.32
CA ASN A 247 3.77 5.58 13.12
C ASN A 247 4.45 6.75 12.42
N HIS A 248 3.92 7.20 11.27
CA HIS A 248 4.32 8.46 10.61
C HIS A 248 3.98 9.62 11.54
N CYS A 249 4.97 10.32 12.07
CA CYS A 249 4.73 11.43 13.04
C CYS A 249 4.28 12.68 12.29
N SER A 250 3.57 13.57 12.98
CA SER A 250 3.01 14.84 12.45
C SER A 250 4.13 15.64 11.79
N ASP A 251 5.28 15.75 12.46
CA ASP A 251 6.46 16.51 11.98
C ASP A 251 6.89 15.99 10.61
N ALA A 252 7.14 14.69 10.47
CA ALA A 252 7.56 14.06 9.21
C ALA A 252 6.52 14.35 8.11
N MET A 253 5.25 14.05 8.38
CA MET A 253 4.14 14.17 7.40
C MET A 253 4.06 15.61 6.92
N ASN A 254 3.97 16.55 7.85
CA ASN A 254 3.84 18.01 7.58
C ASN A 254 4.98 18.46 6.66
N ILE A 255 6.23 18.12 7.01
CA ILE A 255 7.44 18.59 6.26
C ILE A 255 7.44 17.97 4.86
N MET A 256 7.11 16.69 4.74
CA MET A 256 7.06 15.99 3.45
C MET A 256 6.09 16.75 2.54
N PHE A 257 4.87 17.02 3.04
CA PHE A 257 3.80 17.70 2.27
C PHE A 257 4.27 19.09 1.84
N GLU A 258 4.98 19.80 2.73
CA GLU A 258 5.51 21.17 2.47
C GLU A 258 6.58 21.11 1.37
N GLU A 259 7.47 20.13 1.40
CA GLU A 259 8.63 20.09 0.45
C GLU A 259 8.21 19.48 -0.89
N VAL A 260 7.31 18.50 -0.89
CA VAL A 260 6.95 17.74 -2.12
C VAL A 260 5.91 18.50 -2.94
N PHE A 261 4.93 19.15 -2.32
CA PHE A 261 3.72 19.65 -3.03
C PHE A 261 3.72 21.19 -3.12
N ARG A 262 4.89 21.78 -3.34
CA ARG A 262 5.07 23.25 -3.42
C ARG A 262 4.46 23.77 -4.72
N THR A 263 3.90 24.99 -4.67
CA THR A 263 3.31 25.69 -5.84
C THR A 263 4.37 25.81 -6.93
N GLU A 264 5.63 25.98 -6.53
CA GLU A 264 6.78 26.14 -7.45
C GLU A 264 6.97 24.88 -8.31
N PHE A 265 6.42 23.72 -7.89
CA PHE A 265 6.47 22.45 -8.67
C PHE A 265 5.18 22.27 -9.49
N GLY A 266 4.36 23.33 -9.60
CA GLY A 266 3.18 23.38 -10.48
C GLY A 266 1.89 22.97 -9.79
N PHE A 267 1.91 22.76 -8.48
CA PHE A 267 0.73 22.32 -7.69
C PHE A 267 -0.11 23.53 -7.33
N HIS A 268 -1.44 23.35 -7.30
CA HIS A 268 -2.40 24.30 -6.68
C HIS A 268 -1.99 24.49 -5.21
N PRO A 269 -2.08 25.71 -4.64
CA PRO A 269 -1.77 25.92 -3.22
C PRO A 269 -2.48 24.94 -2.28
N ASN A 270 -3.66 24.42 -2.67
CA ASN A 270 -4.56 23.59 -1.84
C ASN A 270 -4.14 22.11 -1.82
N ALA A 271 -3.27 21.65 -2.73
CA ALA A 271 -2.66 20.31 -2.71
C ALA A 271 -2.02 20.04 -1.34
N GLU A 272 -1.18 20.95 -0.86
CA GLU A 272 -0.50 20.82 0.46
C GLU A 272 -1.58 20.75 1.54
N TRP A 273 -2.59 21.61 1.45
CA TRP A 273 -3.62 21.78 2.50
C TRP A 273 -4.43 20.48 2.65
N ILE A 274 -4.94 19.93 1.55
CA ILE A 274 -5.85 18.74 1.59
C ILE A 274 -5.05 17.53 2.10
N LEU A 275 -3.77 17.40 1.74
CA LEU A 275 -2.89 16.33 2.28
C LEU A 275 -2.69 16.55 3.78
N LYS A 276 -2.49 17.79 4.22
CA LYS A 276 -2.27 18.12 5.65
C LYS A 276 -3.54 17.80 6.48
N THR A 277 -4.73 17.68 5.87
CA THR A 277 -5.98 17.28 6.57
C THR A 277 -5.87 15.82 7.04
N LEU A 278 -4.90 15.06 6.55
CA LEU A 278 -4.69 13.61 6.91
C LEU A 278 -3.97 13.47 8.26
N VAL A 279 -3.37 14.53 8.78
CA VAL A 279 -2.47 14.47 9.97
C VAL A 279 -3.30 14.33 11.24
N ASN A 280 -4.29 15.22 11.41
CA ASN A 280 -5.15 15.31 12.62
C ASN A 280 -6.57 14.91 12.22
N THR A 281 -6.95 13.66 12.51
CA THR A 281 -8.16 12.99 11.97
C THR A 281 -9.07 12.49 13.10
N GLU A 282 -10.37 12.47 12.82
CA GLU A 282 -11.44 11.89 13.67
C GLU A 282 -11.90 10.59 12.99
N HIS A 283 -11.88 9.48 13.73
CA HIS A 283 -12.25 8.11 13.26
C HIS A 283 -13.53 7.65 13.94
N ALA A 284 -14.55 7.28 13.14
CA ALA A 284 -15.85 6.76 13.59
C ALA A 284 -15.86 5.23 13.52
N TYR A 285 -15.98 4.57 14.68
CA TYR A 285 -16.09 3.09 14.79
C TYR A 285 -17.20 2.75 15.79
N GLU A 286 -18.30 2.17 15.29
CA GLU A 286 -19.48 1.78 16.12
C GLU A 286 -19.96 3.07 16.81
N ASN A 287 -20.09 3.08 18.15
CA ASN A 287 -20.51 4.26 18.93
C ASN A 287 -19.31 5.12 19.34
N LYS A 288 -18.09 4.80 18.90
CA LYS A 288 -16.86 5.52 19.34
C LYS A 288 -16.45 6.55 18.29
N ARG A 289 -15.99 7.73 18.75
CA ARG A 289 -15.33 8.77 17.92
C ARG A 289 -13.93 9.01 18.50
N ILE A 290 -12.90 8.49 17.82
CA ILE A 290 -11.47 8.55 18.26
C ILE A 290 -10.76 9.63 17.44
N THR A 291 -10.20 10.63 18.12
CA THR A 291 -9.40 11.72 17.53
C THR A 291 -7.92 11.36 17.65
N VAL A 292 -7.21 11.28 16.51
CA VAL A 292 -5.78 10.85 16.44
C VAL A 292 -4.95 12.00 15.86
N GLU A 293 -3.75 12.21 16.39
CA GLU A 293 -2.76 13.18 15.87
C GLU A 293 -1.55 12.40 15.38
N GLY A 294 -1.17 12.59 14.12
CA GLY A 294 -0.10 11.82 13.48
C GLY A 294 -0.66 10.56 12.82
N GLY A 295 0.13 9.97 11.93
CA GLY A 295 -0.23 8.75 11.20
C GLY A 295 -1.05 9.04 9.96
N MET A 296 -0.93 8.16 8.98
CA MET A 296 -1.77 8.18 7.76
C MET A 296 -3.04 7.41 8.06
N PRO A 297 -4.22 7.89 7.60
CA PRO A 297 -5.43 7.08 7.67
C PRO A 297 -5.17 5.71 7.06
N SER A 298 -5.62 4.64 7.74
CA SER A 298 -5.39 3.22 7.37
C SER A 298 -5.90 2.97 5.95
N GLY A 299 -5.18 2.11 5.21
CA GLY A 299 -5.53 1.73 3.84
C GLY A 299 -4.34 1.13 3.12
N CYS A 300 -4.52 0.82 1.84
CA CYS A 300 -3.44 0.34 0.94
C CYS A 300 -3.44 1.20 -0.34
N SER A 301 -4.48 1.06 -1.18
CA SER A 301 -4.63 1.71 -2.50
C SER A 301 -4.61 3.24 -2.39
N ALA A 302 -5.44 3.81 -1.50
CA ALA A 302 -5.74 5.27 -1.38
C ALA A 302 -4.52 6.05 -0.86
N THR A 303 -3.58 5.39 -0.18
CA THR A 303 -2.47 6.01 0.61
C THR A 303 -1.09 5.52 0.15
N SER A 304 -1.05 4.67 -0.89
CA SER A 304 0.18 4.02 -1.43
C SER A 304 1.26 5.05 -1.76
N ILE A 305 0.88 6.09 -2.49
CA ILE A 305 1.84 7.11 -3.04
C ILE A 305 2.50 7.81 -1.85
N ILE A 306 1.72 8.31 -0.91
CA ILE A 306 2.20 9.09 0.26
C ILE A 306 3.17 8.23 1.08
N ASN A 307 2.75 7.00 1.42
CA ASN A 307 3.58 6.05 2.20
C ASN A 307 4.88 5.78 1.43
N THR A 308 4.80 5.61 0.10
CA THR A 308 5.99 5.34 -0.74
C THR A 308 6.95 6.51 -0.66
N ILE A 309 6.44 7.74 -0.79
CA ILE A 309 7.26 9.00 -0.72
C ILE A 309 7.96 9.06 0.64
N LEU A 310 7.26 8.72 1.73
CA LEU A 310 7.82 8.83 3.10
C LEU A 310 8.94 7.79 3.26
N ASN A 311 8.71 6.57 2.77
CA ASN A 311 9.73 5.48 2.82
C ASN A 311 11.01 6.00 2.14
N ASN A 312 10.88 6.68 1.01
CA ASN A 312 12.06 7.19 0.25
C ASN A 312 12.81 8.20 1.11
N ILE A 313 12.09 9.11 1.78
CA ILE A 313 12.70 10.22 2.55
C ILE A 313 13.32 9.61 3.82
N TYR A 314 12.69 8.59 4.39
CA TYR A 314 13.14 7.95 5.65
C TYR A 314 14.53 7.34 5.45
N VAL A 315 14.78 6.71 4.30
CA VAL A 315 16.09 6.05 4.02
C VAL A 315 17.18 7.11 3.84
N LEU A 316 16.88 8.21 3.13
CA LEU A 316 17.85 9.31 2.95
C LEU A 316 18.14 9.94 4.33
N TYR A 317 17.09 10.19 5.13
CA TYR A 317 17.20 10.76 6.50
C TYR A 317 18.11 9.88 7.36
N ALA A 318 17.75 8.61 7.50
CA ALA A 318 18.43 7.63 8.38
C ALA A 318 19.91 7.53 8.00
N LEU A 319 20.24 7.47 6.71
CA LEU A 319 21.65 7.30 6.25
C LEU A 319 22.44 8.59 6.53
N ARG A 320 21.83 9.75 6.31
CA ARG A 320 22.49 11.07 6.49
C ARG A 320 22.68 11.35 7.99
N ARG A 321 21.81 10.80 8.84
CA ARG A 321 21.88 11.02 10.31
C ARG A 321 23.05 10.22 10.90
N HIS A 322 23.46 9.13 10.22
CA HIS A 322 24.54 8.22 10.67
C HIS A 322 25.86 8.52 9.94
N TYR A 323 25.82 8.81 8.63
CA TYR A 323 27.01 8.96 7.76
C TYR A 323 27.12 10.37 7.19
N GLU A 324 28.33 10.76 6.78
CA GLU A 324 28.63 12.03 6.06
C GLU A 324 28.65 11.73 4.56
N GLY A 325 28.32 12.72 3.73
CA GLY A 325 28.43 12.63 2.26
C GLY A 325 27.48 11.61 1.65
N VAL A 326 26.31 11.38 2.25
CA VAL A 326 25.24 10.53 1.67
C VAL A 326 24.40 11.38 0.72
N GLU A 327 24.28 10.92 -0.54
CA GLU A 327 23.41 11.53 -1.57
C GLU A 327 22.47 10.45 -2.11
N LEU A 328 21.52 10.84 -2.96
CA LEU A 328 20.49 9.92 -3.50
C LEU A 328 21.15 8.76 -4.25
N ASP A 329 22.34 8.98 -4.83
CA ASP A 329 23.04 7.95 -5.65
C ASP A 329 24.05 7.18 -4.79
N THR A 330 24.05 7.37 -3.47
CA THR A 330 24.82 6.53 -2.50
C THR A 330 24.20 5.13 -2.47
N TYR A 331 22.91 5.03 -2.74
CA TYR A 331 22.12 3.77 -2.75
C TYR A 331 21.12 3.85 -3.88
N THR A 332 20.41 2.76 -4.12
CA THR A 332 19.18 2.71 -4.94
C THR A 332 18.08 2.04 -4.12
N MET A 333 16.83 2.30 -4.42
CA MET A 333 15.72 1.63 -3.71
C MET A 333 14.45 1.67 -4.55
N ILE A 334 13.54 0.78 -4.21
CA ILE A 334 12.14 0.85 -4.70
C ILE A 334 11.25 0.49 -3.52
N SER A 335 10.13 1.20 -3.39
CA SER A 335 9.16 1.08 -2.28
C SER A 335 7.74 1.00 -2.87
N TYR A 336 6.86 0.26 -2.19
CA TYR A 336 5.39 0.26 -2.38
C TYR A 336 4.79 0.38 -0.99
N GLY A 337 4.43 1.59 -0.57
CA GLY A 337 4.10 1.88 0.83
C GLY A 337 5.23 1.45 1.74
N ASP A 338 4.95 0.58 2.71
CA ASP A 338 5.94 0.13 3.73
C ASP A 338 6.88 -0.91 3.13
N ASP A 339 6.49 -1.59 2.05
CA ASP A 339 7.37 -2.59 1.38
C ASP A 339 8.53 -1.85 0.71
N ILE A 340 9.75 -2.36 0.84
CA ILE A 340 10.98 -1.68 0.33
C ILE A 340 12.09 -2.70 0.07
N VAL A 341 12.83 -2.48 -1.03
CA VAL A 341 14.15 -3.09 -1.32
C VAL A 341 15.17 -1.94 -1.44
N VAL A 342 16.28 -2.03 -0.70
CA VAL A 342 17.41 -1.06 -0.74
C VAL A 342 18.66 -1.82 -1.21
N ALA A 343 19.52 -1.16 -1.98
CA ALA A 343 20.79 -1.73 -2.48
C ALA A 343 21.86 -0.64 -2.59
N SER A 344 23.11 -1.02 -2.31
CA SER A 344 24.29 -0.12 -2.37
C SER A 344 25.54 -0.97 -2.63
N ASP A 345 26.49 -0.42 -3.39
CA ASP A 345 27.86 -0.99 -3.54
C ASP A 345 28.63 -0.72 -2.24
N TYR A 346 28.20 0.28 -1.47
CA TYR A 346 28.73 0.59 -0.10
C TYR A 346 28.20 -0.44 0.89
N ASP A 347 29.01 -0.76 1.89
CA ASP A 347 28.68 -1.69 3.01
C ASP A 347 27.95 -0.89 4.09
N LEU A 348 26.73 -0.45 3.77
CA LEU A 348 25.87 0.34 4.68
C LEU A 348 25.47 -0.56 5.85
N ASP A 349 25.64 -0.10 7.09
CA ASP A 349 25.31 -0.86 8.31
C ASP A 349 23.85 -0.53 8.68
N PHE A 350 22.89 -1.31 8.18
CA PHE A 350 21.45 -1.08 8.43
C PHE A 350 21.12 -1.37 9.90
N GLU A 351 21.87 -2.25 10.55
CA GLU A 351 21.71 -2.57 11.99
C GLU A 351 21.90 -1.29 12.82
N ALA A 352 22.82 -0.42 12.42
CA ALA A 352 23.17 0.84 13.12
C ALA A 352 22.18 1.96 12.79
N LEU A 353 21.38 1.83 11.73
CA LEU A 353 20.34 2.83 11.33
C LEU A 353 19.10 2.71 12.21
N LYS A 354 18.95 1.62 12.98
CA LYS A 354 17.74 1.33 13.81
C LYS A 354 17.37 2.53 14.67
N PRO A 355 18.29 3.10 15.47
CA PRO A 355 17.96 4.25 16.31
C PRO A 355 17.55 5.49 15.49
N HIS A 356 18.12 5.63 14.30
CA HIS A 356 17.88 6.79 13.41
C HIS A 356 16.44 6.72 12.88
N PHE A 357 15.99 5.53 12.48
CA PHE A 357 14.57 5.27 12.12
C PHE A 357 13.69 5.48 13.36
N LYS A 358 14.17 5.13 14.55
CA LYS A 358 13.44 5.30 15.84
C LYS A 358 13.14 6.79 16.09
N SER A 359 14.02 7.70 15.66
CA SER A 359 13.82 9.17 15.81
C SER A 359 12.63 9.64 14.96
N LEU A 360 12.20 8.86 13.95
CA LEU A 360 10.99 9.12 13.12
C LEU A 360 9.76 8.41 13.71
N GLY A 361 9.94 7.63 14.77
CA GLY A 361 8.88 6.81 15.41
C GLY A 361 8.72 5.47 14.71
N GLN A 362 9.69 5.07 13.89
CA GLN A 362 9.64 3.84 13.05
C GLN A 362 10.60 2.79 13.59
N THR A 363 10.14 1.54 13.68
CA THR A 363 10.92 0.37 14.18
C THR A 363 11.22 -0.56 12.99
N ILE A 364 12.48 -0.66 12.57
CA ILE A 364 12.90 -1.52 11.42
C ILE A 364 13.52 -2.81 11.95
N THR A 365 13.26 -3.91 11.24
CA THR A 365 13.87 -5.25 11.44
C THR A 365 14.13 -5.84 10.06
N PRO A 366 15.08 -6.79 9.92
CA PRO A 366 15.25 -7.53 8.67
C PRO A 366 13.96 -8.31 8.36
N ALA A 367 13.50 -8.25 7.11
CA ALA A 367 12.35 -9.04 6.61
C ALA A 367 12.66 -10.53 6.80
N ASP A 368 13.94 -10.89 6.74
CA ASP A 368 14.50 -12.26 6.85
C ASP A 368 13.96 -12.99 8.09
N LYS A 369 13.76 -12.28 9.20
CA LYS A 369 13.56 -12.87 10.55
C LYS A 369 14.83 -13.64 10.93
N SER A 370 15.99 -13.00 10.76
CA SER A 370 17.31 -13.45 11.30
C SER A 370 17.33 -13.13 12.80
N ASP A 371 17.99 -13.98 13.61
CA ASP A 371 18.16 -13.76 15.07
C ASP A 371 19.04 -12.52 15.28
N LYS A 372 20.14 -12.45 14.53
CA LYS A 372 20.90 -11.20 14.29
C LYS A 372 20.03 -10.27 13.42
N GLY A 373 20.41 -8.99 13.35
CA GLY A 373 19.69 -8.01 12.51
C GLY A 373 20.15 -8.09 11.07
N PHE A 374 20.52 -6.93 10.51
CA PHE A 374 20.88 -6.77 9.09
C PHE A 374 22.30 -7.28 8.88
N VAL A 375 22.57 -7.77 7.67
CA VAL A 375 23.90 -8.31 7.23
C VAL A 375 24.19 -7.77 5.83
N LEU A 376 25.47 -7.81 5.45
CA LEU A 376 25.94 -7.51 4.07
C LEU A 376 25.79 -8.78 3.24
N GLY A 377 25.99 -8.69 1.92
CA GLY A 377 26.17 -9.85 1.04
C GLY A 377 24.86 -10.40 0.48
N HIS A 378 23.71 -9.95 0.98
CA HIS A 378 22.38 -10.34 0.44
C HIS A 378 22.24 -9.79 -0.98
N SER A 379 21.51 -10.51 -1.83
CA SER A 379 21.27 -10.17 -3.26
C SER A 379 19.75 -10.13 -3.52
N ILE A 380 19.37 -9.67 -4.71
CA ILE A 380 17.95 -9.53 -5.16
C ILE A 380 17.25 -10.89 -5.09
N THR A 381 17.97 -12.01 -5.22
CA THR A 381 17.40 -13.38 -5.20
C THR A 381 17.12 -13.85 -3.76
N ASP A 382 17.45 -13.04 -2.74
CA ASP A 382 17.24 -13.37 -1.31
C ASP A 382 16.01 -12.66 -0.73
N VAL A 383 15.52 -11.59 -1.37
CA VAL A 383 14.57 -10.63 -0.73
C VAL A 383 13.11 -10.90 -1.14
N THR A 384 12.18 -10.37 -0.36
CA THR A 384 10.73 -10.36 -0.64
C THR A 384 10.30 -8.91 -0.90
N PHE A 385 9.53 -8.70 -1.96
CA PHE A 385 8.87 -7.42 -2.32
C PHE A 385 7.48 -7.75 -2.91
N LEU A 386 6.43 -7.12 -2.38
CA LEU A 386 5.01 -7.39 -2.73
C LEU A 386 4.75 -8.90 -2.59
N LYS A 387 5.26 -9.52 -1.53
CA LYS A 387 5.06 -10.96 -1.19
C LYS A 387 5.68 -11.86 -2.29
N ARG A 388 6.54 -11.33 -3.15
CA ARG A 388 7.15 -12.06 -4.28
C ARG A 388 8.68 -12.09 -4.15
N HIS A 389 9.30 -13.23 -4.45
CA HIS A 389 10.77 -13.39 -4.61
C HIS A 389 11.17 -13.07 -6.05
N PHE A 390 12.46 -12.81 -6.29
CA PHE A 390 13.05 -12.62 -7.63
C PHE A 390 13.84 -13.88 -8.02
N HIS A 391 13.28 -14.71 -8.90
CA HIS A 391 13.99 -15.90 -9.44
C HIS A 391 13.99 -15.83 -10.97
N MET A 392 15.11 -16.21 -11.57
CA MET A 392 15.25 -16.32 -13.05
C MET A 392 14.49 -17.58 -13.51
N ASP A 393 13.67 -17.38 -14.54
CA ASP A 393 13.06 -18.45 -15.36
C ASP A 393 14.18 -19.09 -16.19
N TYR A 394 14.37 -20.41 -16.07
CA TYR A 394 15.41 -21.18 -16.80
C TYR A 394 15.19 -21.04 -18.31
N GLY A 395 13.94 -21.06 -18.76
CA GLY A 395 13.55 -20.99 -20.19
C GLY A 395 14.06 -19.75 -20.90
N THR A 396 13.93 -18.59 -20.26
CA THR A 396 14.10 -17.26 -20.91
C THR A 396 15.24 -16.46 -20.29
N GLY A 397 15.66 -16.79 -19.06
CA GLY A 397 16.61 -15.98 -18.28
C GLY A 397 15.98 -14.76 -17.60
N PHE A 398 14.68 -14.49 -17.81
CA PHE A 398 13.96 -13.33 -17.22
C PHE A 398 13.66 -13.62 -15.75
N TYR A 399 13.71 -12.59 -14.90
CA TYR A 399 13.22 -12.67 -13.50
C TYR A 399 11.70 -12.85 -13.53
N LYS A 400 11.19 -13.71 -12.65
CA LYS A 400 9.73 -13.95 -12.48
C LYS A 400 9.39 -13.74 -11.00
N PRO A 401 8.21 -13.16 -10.71
CA PRO A 401 7.76 -13.02 -9.33
C PRO A 401 7.24 -14.38 -8.82
N VAL A 402 7.99 -15.03 -7.94
CA VAL A 402 7.60 -16.32 -7.33
C VAL A 402 7.02 -16.03 -5.94
N MET A 403 5.79 -16.46 -5.68
CA MET A 403 5.15 -16.32 -4.35
C MET A 403 5.40 -17.61 -3.55
N ALA A 404 5.53 -17.48 -2.23
CA ALA A 404 5.70 -18.61 -1.31
C ALA A 404 4.53 -19.58 -1.48
N SER A 405 4.80 -20.89 -1.52
CA SER A 405 3.79 -21.95 -1.73
C SER A 405 2.74 -21.94 -0.60
N LYS A 406 3.16 -21.71 0.65
CA LYS A 406 2.25 -21.63 1.81
C LYS A 406 1.25 -20.48 1.62
N THR A 407 1.69 -19.33 1.09
CA THR A 407 0.83 -18.15 0.84
C THR A 407 -0.21 -18.48 -0.24
N LEU A 408 0.20 -19.14 -1.33
CA LEU A 408 -0.71 -19.56 -2.43
C LEU A 408 -1.68 -20.62 -1.91
N GLU A 409 -1.24 -21.51 -1.01
CA GLU A 409 -2.12 -22.50 -0.35
C GLU A 409 -3.23 -21.78 0.44
N ALA A 410 -2.88 -20.72 1.16
CA ALA A 410 -3.82 -19.95 2.02
C ALA A 410 -4.84 -19.20 1.15
N ILE A 411 -4.37 -18.57 0.08
CA ILE A 411 -5.19 -17.77 -0.89
C ILE A 411 -6.20 -18.69 -1.56
N LEU A 412 -5.78 -19.91 -1.92
CA LEU A 412 -6.62 -20.90 -2.64
C LEU A 412 -7.60 -21.56 -1.66
N SER A 413 -7.33 -21.49 -0.36
CA SER A 413 -8.08 -22.22 0.70
C SER A 413 -9.39 -21.50 1.08
N PHE A 414 -9.54 -20.22 0.74
CA PHE A 414 -10.75 -19.41 1.04
C PHE A 414 -11.16 -18.61 -0.19
N ALA A 415 -12.45 -18.29 -0.31
CA ALA A 415 -12.99 -17.44 -1.39
C ALA A 415 -14.31 -16.81 -0.96
N ARG A 416 -14.60 -15.61 -1.45
CA ARG A 416 -15.96 -14.99 -1.36
C ARG A 416 -16.91 -15.92 -2.12
N ARG A 417 -18.11 -16.14 -1.59
CA ARG A 417 -19.07 -17.13 -2.13
C ARG A 417 -19.43 -16.73 -3.57
N GLY A 418 -19.37 -17.69 -4.50
CA GLY A 418 -19.76 -17.52 -5.91
C GLY A 418 -18.64 -16.99 -6.79
N THR A 419 -17.44 -16.79 -6.25
CA THR A 419 -16.31 -16.13 -6.95
C THR A 419 -15.18 -17.13 -7.21
N ILE A 420 -15.36 -18.42 -6.92
CA ILE A 420 -14.24 -19.40 -6.87
C ILE A 420 -13.59 -19.49 -8.27
N GLN A 421 -14.39 -19.61 -9.33
CA GLN A 421 -13.87 -19.78 -10.72
C GLN A 421 -13.00 -18.57 -11.09
N GLU A 422 -13.48 -17.36 -10.77
CA GLU A 422 -12.79 -16.09 -11.07
C GLU A 422 -11.47 -16.05 -10.30
N LYS A 423 -11.49 -16.48 -9.03
CA LYS A 423 -10.32 -16.42 -8.13
C LYS A 423 -9.25 -17.40 -8.61
N LEU A 424 -9.64 -18.58 -9.09
CA LEU A 424 -8.68 -19.62 -9.56
C LEU A 424 -7.91 -19.06 -10.76
N ILE A 425 -8.60 -18.44 -11.71
CA ILE A 425 -7.98 -17.87 -12.95
C ILE A 425 -7.00 -16.76 -12.54
N SER A 426 -7.38 -15.95 -11.55
CA SER A 426 -6.51 -14.84 -11.04
C SER A 426 -5.28 -15.44 -10.34
N VAL A 427 -5.47 -16.41 -9.45
CA VAL A 427 -4.36 -17.00 -8.62
C VAL A 427 -3.44 -17.83 -9.52
N ALA A 428 -3.98 -18.46 -10.58
CA ALA A 428 -3.18 -19.18 -11.60
C ALA A 428 -2.09 -18.26 -12.16
N GLY A 429 -2.41 -16.98 -12.40
CA GLY A 429 -1.48 -15.94 -12.89
C GLY A 429 -0.32 -15.73 -11.93
N LEU A 430 -0.54 -15.96 -10.64
CA LEU A 430 0.48 -15.81 -9.56
C LEU A 430 1.30 -17.09 -9.45
N ALA A 431 0.65 -18.25 -9.53
CA ALA A 431 1.23 -19.57 -9.22
C ALA A 431 2.07 -20.12 -10.38
N VAL A 432 1.85 -19.63 -11.61
CA VAL A 432 2.57 -20.10 -12.83
C VAL A 432 4.08 -19.97 -12.61
N HIS A 433 4.52 -18.96 -11.83
CA HIS A 433 5.96 -18.67 -11.61
C HIS A 433 6.58 -19.65 -10.62
N SER A 434 5.77 -20.43 -9.89
CA SER A 434 6.23 -21.48 -8.94
C SER A 434 6.77 -22.70 -9.69
N GLY A 435 6.52 -22.80 -11.00
CA GLY A 435 6.97 -23.94 -11.84
C GLY A 435 5.86 -24.97 -12.03
N PRO A 436 6.00 -25.85 -13.05
CA PRO A 436 4.92 -26.75 -13.48
C PRO A 436 4.46 -27.74 -12.40
N ASP A 437 5.40 -28.27 -11.61
CA ASP A 437 5.13 -29.31 -10.58
C ASP A 437 4.30 -28.72 -9.42
N GLU A 438 4.70 -27.57 -8.90
CA GLU A 438 4.04 -26.87 -7.76
C GLU A 438 2.68 -26.33 -8.22
N TYR A 439 2.61 -25.80 -9.45
CA TYR A 439 1.38 -25.30 -10.10
C TYR A 439 0.34 -26.43 -10.14
N ARG A 440 0.74 -27.59 -10.67
CA ARG A 440 -0.12 -28.81 -10.74
C ARG A 440 -0.62 -29.12 -9.33
N ARG A 441 0.29 -29.19 -8.35
CA ARG A 441 -0.02 -29.57 -6.94
C ARG A 441 -1.04 -28.60 -6.34
N LEU A 442 -0.88 -27.30 -6.58
CA LEU A 442 -1.71 -26.23 -5.95
C LEU A 442 -3.16 -26.31 -6.44
N PHE A 443 -3.39 -26.71 -7.70
CA PHE A 443 -4.75 -26.71 -8.32
C PHE A 443 -5.36 -28.13 -8.37
N GLU A 444 -4.63 -29.18 -7.98
CA GLU A 444 -5.15 -30.58 -7.94
C GLU A 444 -6.52 -30.60 -7.25
N PRO A 445 -6.68 -30.02 -6.04
CA PRO A 445 -7.98 -30.08 -5.35
C PRO A 445 -9.18 -29.64 -6.19
N PHE A 446 -8.97 -28.78 -7.18
CA PHE A 446 -10.03 -28.12 -7.97
C PHE A 446 -10.26 -28.85 -9.30
N GLN A 447 -9.37 -29.77 -9.68
CA GLN A 447 -9.47 -30.51 -10.97
C GLN A 447 -10.82 -31.22 -11.05
N GLY A 448 -11.56 -31.02 -12.15
CA GLY A 448 -12.87 -31.63 -12.40
C GLY A 448 -14.03 -30.77 -11.92
N LEU A 449 -13.78 -29.82 -11.02
CA LEU A 449 -14.83 -28.95 -10.40
C LEU A 449 -14.86 -27.58 -11.09
N PHE A 450 -13.70 -27.02 -11.44
CA PHE A 450 -13.56 -25.69 -12.08
C PHE A 450 -12.62 -25.83 -13.27
N GLU A 451 -12.64 -24.82 -14.15
CA GLU A 451 -11.65 -24.65 -15.24
C GLU A 451 -10.34 -24.15 -14.65
N ILE A 452 -9.27 -24.97 -14.70
CA ILE A 452 -7.89 -24.59 -14.31
C ILE A 452 -7.11 -24.34 -15.58
N PRO A 453 -6.59 -23.10 -15.82
CA PRO A 453 -5.78 -22.84 -17.00
C PRO A 453 -4.60 -23.82 -17.01
N SER A 454 -4.24 -24.34 -18.18
CA SER A 454 -2.98 -25.11 -18.39
C SER A 454 -1.80 -24.24 -17.97
N TYR A 455 -0.80 -24.82 -17.30
CA TYR A 455 0.50 -24.16 -17.00
C TYR A 455 1.10 -23.60 -18.30
N ARG A 456 0.99 -24.37 -19.39
CA ARG A 456 1.55 -24.03 -20.73
C ARG A 456 1.01 -22.68 -21.21
N SER A 457 -0.31 -22.52 -21.18
CA SER A 457 -1.05 -21.32 -21.67
C SER A 457 -0.55 -20.06 -20.94
N LEU A 458 -0.42 -20.12 -19.61
CA LEU A 458 -0.02 -18.94 -18.78
C LEU A 458 1.48 -18.66 -18.95
N TYR A 459 2.30 -19.69 -19.14
CA TYR A 459 3.76 -19.54 -19.37
C TYR A 459 3.98 -18.77 -20.68
N LEU A 460 3.32 -19.20 -21.75
CA LEU A 460 3.42 -18.55 -23.08
C LEU A 460 2.87 -17.12 -22.99
N ARG A 461 1.76 -16.90 -22.28
CA ARG A 461 1.20 -15.53 -22.06
C ARG A 461 2.31 -14.66 -21.45
N TRP A 462 2.94 -15.17 -20.39
CA TRP A 462 3.96 -14.45 -19.59
C TRP A 462 5.18 -14.08 -20.45
N VAL A 463 5.70 -15.02 -21.24
CA VAL A 463 6.95 -14.78 -22.02
C VAL A 463 6.69 -13.59 -22.95
N ASN A 464 5.54 -13.57 -23.60
CA ASN A 464 5.13 -12.47 -24.52
C ASN A 464 4.97 -11.17 -23.70
N ALA A 465 4.36 -11.25 -22.52
CA ALA A 465 4.08 -10.08 -21.65
C ALA A 465 5.38 -9.36 -21.31
N VAL A 466 6.45 -10.10 -20.99
CA VAL A 466 7.71 -9.50 -20.45
C VAL A 466 8.61 -9.04 -21.61
N CYS A 467 8.65 -9.75 -22.74
CA CYS A 467 9.45 -9.35 -23.94
C CYS A 467 8.82 -9.94 -25.20
N GLY A 468 8.10 -9.11 -25.96
CA GLY A 468 7.38 -9.49 -27.19
C GLY A 468 8.29 -10.06 -28.26
N ASP A 469 9.49 -9.47 -28.46
CA ASP A 469 10.45 -9.87 -29.52
C ASP A 469 11.06 -11.24 -29.20
N ALA A 470 11.23 -11.58 -27.92
CA ALA A 470 11.78 -12.87 -27.45
C ALA A 470 10.82 -14.00 -27.85
N ALA A 471 9.52 -13.81 -27.59
CA ALA A 471 8.44 -14.77 -27.95
C ALA A 471 8.44 -14.97 -29.47
N ALA A 472 8.58 -13.89 -30.25
CA ALA A 472 8.65 -13.92 -31.73
C ALA A 472 9.89 -14.68 -32.18
N ALA A 473 11.04 -14.46 -31.52
CA ALA A 473 12.36 -15.00 -31.90
C ALA A 473 12.35 -16.54 -31.78
N LEU A 474 11.53 -17.09 -30.88
CA LEU A 474 11.44 -18.56 -30.63
C LEU A 474 10.73 -19.28 -31.79
N GLU A 475 10.25 -18.54 -32.79
CA GLU A 475 9.67 -19.10 -34.05
C GLU A 475 10.62 -18.76 -35.21
N HIS A 476 11.95 -18.72 -34.97
CA HIS A 476 13.01 -18.50 -35.99
C HIS A 476 12.98 -19.63 -37.03
C1 GOL B . 31.21 6.63 9.72
O1 GOL B . 30.56 6.54 10.98
C2 GOL B . 31.32 8.08 9.26
O2 GOL B . 30.37 8.86 9.97
C3 GOL B . 31.13 8.25 7.77
O3 GOL B . 32.36 8.25 7.07
C1 GOL C . 17.39 5.79 -6.43
O1 GOL C . 16.74 4.55 -6.14
C2 GOL C . 16.97 6.89 -5.49
O2 GOL C . 17.80 6.83 -4.32
C3 GOL C . 15.50 6.83 -5.10
O3 GOL C . 15.22 7.59 -3.94
C1 GOL D . -12.73 4.86 -3.76
O1 GOL D . -12.85 3.45 -3.58
C2 GOL D . -11.95 5.20 -5.01
O2 GOL D . -12.84 5.67 -6.02
C3 GOL D . -10.89 6.26 -4.77
O3 GOL D . -9.92 6.27 -5.82
#